data_5T6D
#
_entry.id   5T6D
#
_cell.length_a   59.530
_cell.length_b   59.530
_cell.length_c   356.804
_cell.angle_alpha   90.000
_cell.angle_beta   90.000
_cell.angle_gamma   120.000
#
_symmetry.space_group_name_H-M   'P 61 2 2'
#
loop_
_entity.id
_entity.type
_entity.pdbx_description
1 polymer 'Genome polyprotein'
2 non-polymer '3-cyclohexyl-N-{(2S)-1-hydroxy-3-[(3S)-2-oxopyrrolidin-3-yl]propan-2-yl}-N~2~-{[3-(4-methoxyphenoxy)propyl]sulfonyl}-L- alaninamide'
3 water water
#
_entity_poly.entity_id   1
_entity_poly.type   'polypeptide(L)'
_entity_poly.pdbx_seq_one_letter_code
;MHHHHHHAPPTLWSRVTKFGSGWGFWVSPTVFITTTHVVPTGVKEFFGEPLSSIAIHQAGEFTQFRFSKKMRPDLTGMVL
EEGCPEGTVCSVLIKRDSGELLPLAVRMGAIASMRIQGRLVHGQSGMLLTGANAKGMDLGTIPGDCGAPYVHKRGNDWVV
CGVHAAATKSGNTVVCAVQAGEGETALE
;
_entity_poly.pdbx_strand_id   A,B
#
loop_
_chem_comp.id
_chem_comp.type
_chem_comp.name
_chem_comp.formula
N38 non-polymer '3-cyclohexyl-N-{(2S)-1-hydroxy-3-[(3S)-2-oxopyrrolidin-3-yl]propan-2-yl}-N~2~-{[3-(4-methoxyphenoxy)propyl]sulfonyl}-L- alaninamide' 'C26 H41 N3 O7 S'
#
# COMPACT_ATOMS: atom_id res chain seq x y z
N HIS A 5 5.00 -6.77 -24.14
CA HIS A 5 5.66 -7.88 -23.37
C HIS A 5 5.54 -7.73 -21.83
N HIS A 6 5.11 -8.80 -21.18
CA HIS A 6 5.05 -8.81 -19.73
C HIS A 6 5.36 -10.21 -19.22
N HIS A 7 5.57 -10.31 -17.91
CA HIS A 7 5.46 -11.62 -17.27
C HIS A 7 4.01 -11.91 -16.86
N ALA A 8 3.41 -11.07 -15.99
CA ALA A 8 1.99 -11.20 -15.68
C ALA A 8 1.19 -10.04 -16.27
N PRO A 9 -0.04 -10.28 -16.73
CA PRO A 9 -0.86 -9.20 -17.34
C PRO A 9 -1.22 -8.09 -16.37
N PRO A 10 -1.56 -6.90 -16.90
CA PRO A 10 -1.98 -5.79 -16.02
C PRO A 10 -3.18 -6.11 -15.14
N THR A 11 -4.16 -6.83 -15.67
N THR A 11 -4.16 -6.83 -15.67
CA THR A 11 -5.33 -7.15 -14.84
CA THR A 11 -5.33 -7.14 -14.83
C THR A 11 -4.92 -7.97 -13.63
C THR A 11 -4.93 -7.98 -13.62
N LEU A 12 -4.00 -8.92 -13.80
CA LEU A 12 -3.59 -9.73 -12.65
C LEU A 12 -2.90 -8.87 -11.59
N TRP A 13 -1.99 -7.99 -12.03
CA TRP A 13 -1.36 -7.04 -11.11
C TRP A 13 -2.37 -6.14 -10.42
N SER A 14 -3.43 -5.75 -11.14
CA SER A 14 -4.40 -4.85 -10.52
C SER A 14 -5.14 -5.50 -9.35
N ARG A 15 -5.06 -6.82 -9.21
CA ARG A 15 -5.68 -7.53 -8.10
C ARG A 15 -4.91 -7.38 -6.78
N VAL A 16 -3.64 -7.01 -6.86
CA VAL A 16 -2.77 -6.85 -5.71
C VAL A 16 -2.97 -5.44 -5.15
N THR A 17 -3.42 -5.37 -3.90
CA THR A 17 -3.97 -4.18 -3.26
C THR A 17 -3.31 -3.99 -1.89
N LYS A 18 -2.92 -2.76 -1.58
CA LYS A 18 -2.37 -2.44 -0.28
C LYS A 18 -3.43 -2.72 0.78
N PHE A 19 -2.99 -3.19 1.94
CA PHE A 19 -3.89 -3.65 2.98
C PHE A 19 -3.14 -3.86 4.29
N GLY A 20 -3.56 -3.17 5.36
CA GLY A 20 -2.90 -3.30 6.64
C GLY A 20 -1.42 -2.99 6.50
N SER A 21 -0.57 -3.84 7.09
CA SER A 21 0.88 -3.68 6.95
C SER A 21 1.49 -4.52 5.81
N GLY A 22 0.70 -4.85 4.78
CA GLY A 22 1.17 -5.54 3.61
C GLY A 22 0.19 -5.43 2.45
N TRP A 23 -0.25 -6.56 1.91
CA TRP A 23 -1.01 -6.59 0.67
C TRP A 23 -2.08 -7.68 0.76
N GLY A 24 -3.03 -7.61 -0.14
CA GLY A 24 -3.87 -8.74 -0.44
C GLY A 24 -4.21 -8.85 -1.91
N PHE A 25 -5.10 -9.79 -2.23
CA PHE A 25 -5.32 -10.21 -3.59
C PHE A 25 -6.79 -10.46 -3.80
N TRP A 26 -7.36 -9.77 -4.80
CA TRP A 26 -8.74 -9.96 -5.21
C TRP A 26 -8.80 -11.19 -6.10
N VAL A 27 -9.36 -12.28 -5.55
CA VAL A 27 -9.58 -13.50 -6.30
C VAL A 27 -10.73 -13.34 -7.29
N SER A 28 -11.68 -12.48 -6.95
CA SER A 28 -12.95 -12.36 -7.65
C SER A 28 -13.51 -10.99 -7.31
N PRO A 29 -14.64 -10.60 -7.91
CA PRO A 29 -15.25 -9.33 -7.52
C PRO A 29 -15.52 -9.23 -6.03
N THR A 30 -15.72 -10.36 -5.33
CA THR A 30 -16.10 -10.34 -3.92
C THR A 30 -15.10 -10.97 -2.95
N VAL A 31 -14.14 -11.78 -3.40
CA VAL A 31 -13.27 -12.52 -2.51
C VAL A 31 -11.88 -11.91 -2.49
N PHE A 32 -11.41 -11.59 -1.29
CA PHE A 32 -10.12 -11.00 -1.02
C PHE A 32 -9.34 -11.91 -0.07
N ILE A 33 -8.08 -12.18 -0.39
CA ILE A 33 -7.23 -13.02 0.47
C ILE A 33 -5.95 -12.27 0.85
N THR A 34 -5.44 -12.62 2.02
CA THR A 34 -4.27 -11.94 2.58
C THR A 34 -3.66 -12.84 3.65
N THR A 35 -2.55 -12.38 4.20
CA THR A 35 -1.88 -13.04 5.31
C THR A 35 -2.35 -12.47 6.65
N THR A 36 -2.72 -13.38 7.55
CA THR A 36 -3.39 -13.00 8.80
C THR A 36 -2.64 -11.91 9.55
N HIS A 37 -1.31 -11.99 9.65
CA HIS A 37 -0.64 -11.02 10.53
C HIS A 37 -0.54 -9.62 9.97
N VAL A 38 -0.86 -9.38 8.69
CA VAL A 38 -0.91 -7.99 8.23
C VAL A 38 -2.30 -7.38 8.38
N VAL A 39 -3.30 -8.16 8.80
CA VAL A 39 -4.68 -7.65 8.82
C VAL A 39 -4.87 -6.69 10.00
N PRO A 40 -5.49 -5.53 9.79
CA PRO A 40 -5.85 -4.67 10.91
C PRO A 40 -6.68 -5.41 11.94
N THR A 41 -6.42 -5.12 13.21
CA THR A 41 -7.22 -5.67 14.29
C THR A 41 -7.98 -4.56 15.01
N GLY A 42 -9.12 -4.93 15.59
CA GLY A 42 -9.90 -4.01 16.39
C GLY A 42 -10.62 -2.97 15.60
N VAL A 43 -10.91 -3.24 14.32
CA VAL A 43 -11.56 -2.27 13.45
C VAL A 43 -12.99 -2.71 13.15
N LYS A 44 -13.76 -1.76 12.65
CA LYS A 44 -15.19 -1.91 12.42
C LYS A 44 -15.56 -2.10 10.95
N GLU A 45 -14.61 -1.91 10.03
CA GLU A 45 -14.88 -1.91 8.60
C GLU A 45 -13.63 -2.32 7.86
N PHE A 46 -13.81 -2.87 6.66
CA PHE A 46 -12.73 -3.14 5.71
C PHE A 46 -13.13 -2.61 4.35
N PHE A 47 -12.26 -1.79 3.76
CA PHE A 47 -12.56 -1.18 2.46
C PHE A 47 -13.91 -0.47 2.50
N GLY A 48 -14.19 0.19 3.64
CA GLY A 48 -15.43 0.92 3.81
C GLY A 48 -16.64 0.10 4.20
N GLU A 49 -16.58 -1.25 4.12
CA GLU A 49 -17.77 -2.04 4.40
C GLU A 49 -17.80 -2.46 5.85
N PRO A 50 -18.97 -2.39 6.48
CA PRO A 50 -19.09 -2.88 7.86
C PRO A 50 -18.84 -4.38 7.93
N LEU A 51 -18.39 -4.82 9.10
CA LEU A 51 -18.09 -6.23 9.28
C LEU A 51 -19.29 -7.11 8.99
N SER A 52 -20.49 -6.63 9.30
CA SER A 52 -21.72 -7.38 9.08
C SER A 52 -21.98 -7.67 7.62
N SER A 53 -21.26 -7.03 6.70
CA SER A 53 -21.42 -7.32 5.29
C SER A 53 -20.19 -8.03 4.71
N ILE A 54 -19.35 -8.63 5.55
CA ILE A 54 -18.14 -9.35 5.11
C ILE A 54 -18.07 -10.68 5.86
N ALA A 55 -18.09 -11.78 5.13
CA ALA A 55 -17.78 -13.09 5.71
C ALA A 55 -16.27 -13.19 5.87
N ILE A 56 -15.82 -13.32 7.11
CA ILE A 56 -14.40 -13.32 7.45
C ILE A 56 -14.02 -14.69 7.99
N HIS A 57 -12.96 -15.26 7.43
CA HIS A 57 -12.44 -16.54 7.88
C HIS A 57 -10.92 -16.50 7.90
N GLN A 58 -10.33 -16.64 9.09
CA GLN A 58 -8.90 -16.71 9.29
C GLN A 58 -8.50 -18.08 9.81
N ALA A 59 -7.67 -18.79 9.03
CA ALA A 59 -7.14 -20.09 9.43
C ALA A 59 -5.63 -20.07 9.29
N GLY A 60 -4.96 -20.10 10.44
CA GLY A 60 -3.52 -19.94 10.46
C GLY A 60 -3.21 -18.55 9.96
N GLU A 61 -2.23 -18.50 9.07
CA GLU A 61 -1.82 -17.25 8.45
C GLU A 61 -2.59 -16.93 7.16
N PHE A 62 -3.59 -17.75 6.81
CA PHE A 62 -4.45 -17.48 5.66
C PHE A 62 -5.77 -16.83 6.06
N THR A 63 -5.99 -15.62 5.57
CA THR A 63 -7.24 -14.89 5.81
C THR A 63 -8.00 -14.71 4.50
N GLN A 64 -9.29 -15.03 4.53
CA GLN A 64 -10.20 -14.81 3.41
C GLN A 64 -11.32 -13.87 3.84
N PHE A 65 -11.61 -12.87 3.00
CA PHE A 65 -12.81 -12.03 3.13
C PHE A 65 -13.71 -12.31 1.93
N ARG A 66 -15.02 -12.50 2.16
CA ARG A 66 -16.03 -12.52 1.09
C ARG A 66 -17.02 -11.39 1.33
N PHE A 67 -17.01 -10.41 0.43
CA PHE A 67 -17.83 -9.22 0.56
C PHE A 67 -19.22 -9.48 0.00
N SER A 68 -20.23 -8.96 0.70
CA SER A 68 -21.58 -9.00 0.16
C SER A 68 -21.71 -8.09 -1.06
N LYS A 69 -21.16 -6.87 -1.00
CA LYS A 69 -21.08 -6.00 -2.17
C LYS A 69 -20.04 -6.50 -3.15
N LYS A 70 -20.30 -6.32 -4.45
CA LYS A 70 -19.32 -6.60 -5.49
C LYS A 70 -18.31 -5.45 -5.50
N MET A 71 -17.09 -5.71 -5.00
CA MET A 71 -16.11 -4.67 -4.78
C MET A 71 -15.19 -4.43 -5.99
N ARG A 72 -14.98 -5.44 -6.82
CA ARG A 72 -14.11 -5.31 -8.00
C ARG A 72 -14.82 -5.97 -9.16
N PRO A 73 -15.91 -5.37 -9.62
CA PRO A 73 -16.67 -5.96 -10.73
C PRO A 73 -15.93 -5.94 -12.05
N ASP A 74 -14.87 -5.14 -12.16
CA ASP A 74 -14.01 -5.23 -13.34
C ASP A 74 -13.39 -6.60 -13.46
N LEU A 75 -13.34 -7.37 -12.37
CA LEU A 75 -12.60 -8.62 -12.37
C LEU A 75 -13.47 -9.81 -12.68
N THR A 76 -12.84 -10.81 -13.26
CA THR A 76 -13.39 -12.15 -13.35
C THR A 76 -12.91 -12.97 -12.17
N GLY A 77 -13.67 -14.01 -11.85
CA GLY A 77 -13.24 -14.93 -10.81
C GLY A 77 -12.14 -15.84 -11.34
N MET A 78 -11.13 -16.04 -10.52
CA MET A 78 -10.08 -17.00 -10.84
C MET A 78 -10.04 -18.06 -9.76
N VAL A 79 -9.34 -19.16 -10.05
CA VAL A 79 -9.31 -20.30 -9.13
C VAL A 79 -8.29 -20.05 -8.02
N LEU A 80 -8.72 -20.28 -6.78
CA LEU A 80 -7.84 -20.36 -5.62
C LEU A 80 -7.65 -21.84 -5.31
N GLU A 81 -6.44 -22.35 -5.55
CA GLU A 81 -6.12 -23.72 -5.19
C GLU A 81 -5.84 -23.82 -3.70
N GLU A 82 -5.84 -25.07 -3.20
CA GLU A 82 -5.67 -25.36 -1.78
C GLU A 82 -4.21 -25.39 -1.34
N GLY A 83 -3.31 -24.94 -2.18
CA GLY A 83 -1.88 -24.99 -2.01
C GLY A 83 -1.25 -24.97 -3.38
N CYS A 84 0.08 -24.71 -3.43
CA CYS A 84 0.75 -24.64 -4.71
C CYS A 84 1.23 -26.03 -5.16
N PRO A 85 1.38 -26.26 -6.47
CA PRO A 85 1.81 -27.59 -6.95
C PRO A 85 3.27 -27.85 -6.60
N GLU A 86 3.52 -28.89 -5.83
CA GLU A 86 4.83 -29.07 -5.23
C GLU A 86 5.82 -29.42 -6.33
N GLY A 87 6.95 -28.71 -6.35
CA GLY A 87 7.96 -28.93 -7.36
C GLY A 87 7.85 -28.05 -8.58
N THR A 88 6.78 -27.26 -8.72
CA THR A 88 6.61 -26.43 -9.90
C THR A 88 6.94 -24.96 -9.59
N VAL A 89 7.18 -24.23 -10.66
CA VAL A 89 7.57 -22.84 -10.55
C VAL A 89 6.31 -22.00 -10.49
N CYS A 90 6.21 -21.19 -9.44
CA CYS A 90 5.21 -20.15 -9.34
C CYS A 90 5.91 -18.80 -9.43
N SER A 91 5.09 -17.75 -9.48
CA SER A 91 5.55 -16.37 -9.36
CA SER A 91 5.55 -16.37 -9.36
C SER A 91 4.92 -15.74 -8.14
N VAL A 92 5.74 -15.09 -7.31
CA VAL A 92 5.24 -14.22 -6.24
C VAL A 92 5.09 -12.81 -6.80
N LEU A 93 3.87 -12.28 -6.85
CA LEU A 93 3.62 -10.96 -7.43
C LEU A 93 3.82 -9.86 -6.39
N ILE A 94 5.08 -9.49 -6.19
CA ILE A 94 5.44 -8.44 -5.22
C ILE A 94 5.21 -7.07 -5.85
N LYS A 95 4.36 -6.27 -5.23
CA LYS A 95 4.40 -4.82 -5.36
C LYS A 95 5.16 -4.23 -4.17
N ARG A 96 5.98 -3.23 -4.46
CA ARG A 96 6.66 -2.43 -3.47
C ARG A 96 5.97 -1.08 -3.35
N ASP A 97 6.07 -0.47 -2.17
CA ASP A 97 5.34 0.77 -1.97
C ASP A 97 5.98 1.96 -2.70
N SER A 98 7.20 1.84 -3.18
CA SER A 98 7.80 2.80 -4.10
C SER A 98 7.32 2.65 -5.54
N GLY A 99 6.48 1.66 -5.84
CA GLY A 99 5.83 1.55 -7.14
C GLY A 99 6.30 0.39 -8.01
N GLU A 100 7.39 -0.28 -7.63
CA GLU A 100 7.93 -1.35 -8.49
C GLU A 100 7.01 -2.57 -8.50
N LEU A 101 7.00 -3.27 -9.63
CA LEU A 101 6.43 -4.60 -9.76
C LEU A 101 7.57 -5.62 -9.85
N LEU A 102 7.63 -6.53 -8.90
CA LEU A 102 8.79 -7.41 -8.73
C LEU A 102 8.28 -8.85 -8.68
N PRO A 103 7.93 -9.43 -9.82
CA PRO A 103 7.53 -10.83 -9.80
C PRO A 103 8.75 -11.71 -9.56
N LEU A 104 8.66 -12.57 -8.55
CA LEU A 104 9.79 -13.37 -8.13
C LEU A 104 9.49 -14.82 -8.45
N ALA A 105 10.34 -15.44 -9.27
CA ALA A 105 10.19 -16.84 -9.59
C ALA A 105 10.58 -17.68 -8.37
N VAL A 106 9.82 -18.73 -8.11
CA VAL A 106 10.02 -19.56 -6.92
C VAL A 106 9.61 -20.98 -7.26
N ARG A 107 10.46 -21.95 -6.92
CA ARG A 107 10.08 -23.35 -7.06
C ARG A 107 9.56 -23.84 -5.70
N MET A 108 8.38 -24.43 -5.71
CA MET A 108 7.61 -24.67 -4.49
C MET A 108 7.96 -26.03 -3.89
N GLY A 109 8.03 -26.06 -2.56
CA GLY A 109 8.32 -27.26 -1.81
C GLY A 109 7.09 -27.85 -1.16
N ALA A 110 7.30 -28.49 -0.02
CA ALA A 110 6.21 -29.24 0.60
C ALA A 110 5.34 -28.30 1.43
N ILE A 111 4.06 -28.62 1.49
CA ILE A 111 3.14 -28.06 2.47
C ILE A 111 3.34 -28.77 3.80
N ALA A 112 3.48 -27.97 4.86
CA ALA A 112 3.82 -28.48 6.17
C ALA A 112 3.29 -27.53 7.21
N SER A 113 3.06 -28.06 8.40
CA SER A 113 2.79 -27.23 9.55
C SER A 113 4.10 -26.68 10.10
N MET A 114 4.09 -25.40 10.43
CA MET A 114 5.28 -24.69 10.86
C MET A 114 4.89 -23.73 11.98
N ARG A 115 5.85 -23.41 12.83
CA ARG A 115 5.69 -22.33 13.83
C ARG A 115 6.92 -21.42 13.72
N ILE A 116 6.83 -20.42 12.85
CA ILE A 116 7.81 -19.34 12.82
C ILE A 116 7.40 -18.33 13.89
N GLN A 117 8.28 -18.12 14.87
CA GLN A 117 8.04 -17.10 15.88
C GLN A 117 6.72 -17.34 16.64
N ARG A 119 3.85 -18.41 15.82
CA ARG A 119 2.45 -18.69 15.53
C ARG A 119 2.33 -19.98 14.71
N LEU A 120 1.12 -20.54 14.64
CA LEU A 120 0.89 -21.81 13.93
C LEU A 120 0.67 -21.53 12.44
N VAL A 121 1.67 -21.84 11.62
CA VAL A 121 1.61 -21.54 10.19
C VAL A 121 1.30 -22.83 9.45
N HIS A 122 0.18 -22.83 8.71
CA HIS A 122 -0.02 -23.84 7.69
C HIS A 122 0.46 -23.24 6.37
N GLY A 123 1.69 -23.59 5.99
CA GLY A 123 2.35 -22.91 4.92
C GLY A 123 3.06 -23.87 3.99
N GLN A 124 3.64 -23.29 2.95
CA GLN A 124 4.37 -24.06 1.96
C GLN A 124 5.65 -23.33 1.66
N SER A 125 6.76 -24.04 1.73
CA SER A 125 8.05 -23.42 1.53
C SER A 125 8.38 -23.46 0.05
N GLY A 126 9.29 -22.61 -0.37
CA GLY A 126 9.70 -22.60 -1.75
C GLY A 126 11.06 -21.97 -1.81
N MET A 127 11.72 -22.15 -2.95
CA MET A 127 13.06 -21.62 -3.15
C MET A 127 13.00 -20.62 -4.29
N LEU A 128 13.38 -19.39 -3.99
CA LEU A 128 13.46 -18.36 -5.00
C LEU A 128 14.47 -18.73 -6.06
N LEU A 129 14.16 -18.40 -7.32
CA LEU A 129 15.00 -18.72 -8.47
C LEU A 129 15.50 -17.42 -9.10
N THR A 130 16.01 -16.52 -8.26
CA THR A 130 16.35 -15.18 -8.70
C THR A 130 17.85 -14.88 -8.64
N GLY A 131 18.61 -15.69 -7.94
CA GLY A 131 20.02 -15.42 -7.74
C GLY A 131 20.64 -16.47 -6.85
N ALA A 132 21.92 -16.29 -6.53
CA ALA A 132 22.60 -17.26 -5.68
C ALA A 132 22.04 -17.22 -4.25
N ASN A 133 21.95 -16.01 -3.68
CA ASN A 133 21.42 -15.82 -2.31
C ASN A 133 20.60 -14.53 -2.30
N ALA A 134 19.27 -14.66 -2.27
CA ALA A 134 18.34 -13.57 -2.53
C ALA A 134 18.22 -12.56 -1.40
N LYS A 135 19.29 -12.31 -0.66
CA LYS A 135 19.26 -11.31 0.40
C LYS A 135 18.96 -9.95 -0.21
N GLY A 136 18.28 -9.11 0.56
CA GLY A 136 18.03 -7.73 0.15
C GLY A 136 16.80 -7.51 -0.71
N MET A 137 16.64 -6.24 -1.09
CA MET A 137 15.44 -5.75 -1.77
C MET A 137 15.38 -6.12 -3.26
N ASP A 138 16.54 -6.36 -3.90
CA ASP A 138 16.54 -6.48 -5.35
C ASP A 138 16.14 -7.88 -5.81
N LEU A 139 16.49 -8.91 -5.05
CA LEU A 139 16.31 -10.27 -5.52
C LEU A 139 15.41 -11.11 -4.64
N GLY A 140 14.95 -10.57 -3.51
CA GLY A 140 14.10 -11.36 -2.63
C GLY A 140 13.00 -10.54 -1.99
N THR A 141 12.38 -11.14 -0.99
CA THR A 141 11.26 -10.53 -0.28
C THR A 141 11.75 -9.86 1.00
N ILE A 142 11.00 -8.87 1.45
CA ILE A 142 11.45 -8.00 2.54
C ILE A 142 10.24 -7.65 3.39
N PRO A 143 10.46 -7.10 4.59
CA PRO A 143 9.33 -6.62 5.40
C PRO A 143 8.45 -5.68 4.60
N GLY A 144 7.14 -5.86 4.74
CA GLY A 144 6.16 -5.12 3.98
C GLY A 144 5.58 -5.86 2.80
N ASP A 145 6.20 -6.97 2.39
CA ASP A 145 5.78 -7.75 1.22
C ASP A 145 4.69 -8.77 1.53
N CYS A 146 4.32 -8.98 2.79
CA CYS A 146 3.43 -10.08 3.12
C CYS A 146 2.04 -9.81 2.59
N GLY A 147 1.36 -10.88 2.17
CA GLY A 147 0.10 -10.80 1.47
C GLY A 147 0.20 -10.91 -0.04
N ALA A 148 1.40 -10.78 -0.62
CA ALA A 148 1.56 -10.91 -2.05
C ALA A 148 1.17 -12.31 -2.51
N PRO A 149 0.43 -12.42 -3.61
CA PRO A 149 -0.02 -13.74 -4.09
C PRO A 149 1.09 -14.54 -4.74
N TYR A 150 1.03 -15.86 -4.53
CA TYR A 150 1.77 -16.84 -5.30
C TYR A 150 0.84 -17.33 -6.39
N VAL A 151 1.27 -17.21 -7.65
CA VAL A 151 0.44 -17.56 -8.80
C VAL A 151 1.20 -18.50 -9.72
N HIS A 152 0.45 -19.22 -10.53
CA HIS A 152 1.01 -19.96 -11.67
C HIS A 152 -0.09 -20.10 -12.70
N LYS A 153 0.28 -20.49 -13.92
CA LYS A 153 -0.67 -20.60 -15.02
C LYS A 153 -0.99 -22.07 -15.27
N ARG A 154 -2.26 -22.43 -15.13
CA ARG A 154 -2.76 -23.77 -15.41
C ARG A 154 -3.47 -23.74 -16.77
N GLY A 155 -2.76 -24.14 -17.82
CA GLY A 155 -3.30 -24.03 -19.16
C GLY A 155 -3.12 -22.62 -19.65
N ASN A 156 -4.22 -21.98 -20.04
CA ASN A 156 -4.19 -20.57 -20.40
C ASN A 156 -4.59 -19.66 -19.24
N ASP A 157 -5.00 -20.21 -18.11
CA ASP A 157 -5.56 -19.43 -17.01
C ASP A 157 -4.59 -19.34 -15.84
N TRP A 158 -4.49 -18.15 -15.27
CA TRP A 158 -3.70 -17.95 -14.06
C TRP A 158 -4.51 -18.43 -12.85
N VAL A 159 -3.82 -19.07 -11.92
CA VAL A 159 -4.37 -19.60 -10.67
C VAL A 159 -3.60 -18.97 -9.53
N VAL A 160 -4.27 -18.78 -8.37
CA VAL A 160 -3.60 -18.30 -7.16
C VAL A 160 -3.62 -19.45 -6.15
N CYS A 161 -2.53 -19.58 -5.38
CA CYS A 161 -2.41 -20.74 -4.50
C CYS A 161 -1.86 -20.43 -3.10
N GLY A 162 -1.47 -19.19 -2.81
CA GLY A 162 -0.95 -18.84 -1.50
C GLY A 162 -0.71 -17.34 -1.42
N VAL A 163 -0.35 -16.90 -0.21
CA VAL A 163 -0.03 -15.50 0.05
C VAL A 163 1.27 -15.46 0.84
N HIS A 164 2.11 -14.45 0.57
CA HIS A 164 3.44 -14.43 1.14
C HIS A 164 3.41 -14.23 2.67
N ALA A 165 4.16 -15.06 3.41
CA ALA A 165 4.14 -15.03 4.87
C ALA A 165 5.49 -14.80 5.51
N ALA A 166 6.57 -15.34 4.93
CA ALA A 166 7.85 -15.32 5.61
C ALA A 166 8.98 -15.64 4.64
N ALA A 167 10.19 -15.32 5.06
CA ALA A 167 11.39 -15.72 4.38
C ALA A 167 12.55 -15.77 5.38
N THR A 168 13.45 -16.72 5.17
CA THR A 168 14.68 -16.84 5.96
C THR A 168 15.55 -15.61 5.76
N LYS A 169 16.54 -15.48 6.66
CA LYS A 169 17.45 -14.34 6.55
C LYS A 169 18.39 -14.50 5.36
N SER A 170 18.74 -15.73 4.99
CA SER A 170 19.36 -15.94 3.68
C SER A 170 18.53 -15.32 2.56
N GLY A 171 17.20 -15.43 2.68
CA GLY A 171 16.28 -14.96 1.69
C GLY A 171 15.90 -16.01 0.66
N ASN A 172 16.76 -17.02 0.45
CA ASN A 172 16.47 -18.01 -0.59
C ASN A 172 15.18 -18.79 -0.32
N THR A 173 14.87 -19.08 0.94
CA THR A 173 13.66 -19.83 1.25
C THR A 173 12.55 -18.85 1.61
N VAL A 174 11.36 -19.07 1.04
CA VAL A 174 10.19 -18.25 1.31
C VAL A 174 9.07 -19.18 1.76
N VAL A 175 8.08 -18.60 2.44
CA VAL A 175 6.92 -19.36 2.90
C VAL A 175 5.66 -18.57 2.55
N CYS A 176 4.73 -19.23 1.88
CA CYS A 176 3.39 -18.70 1.72
C CYS A 176 2.42 -19.46 2.62
N ALA A 177 1.42 -18.72 3.09
CA ALA A 177 0.28 -19.34 3.73
C ALA A 177 -0.67 -19.83 2.65
N VAL A 178 -1.25 -21.01 2.90
CA VAL A 178 -2.13 -21.69 1.98
C VAL A 178 -3.43 -22.02 2.71
N GLN A 179 -4.44 -22.38 1.93
CA GLN A 179 -5.78 -22.62 2.43
C GLN A 179 -5.95 -24.01 3.07
N THR B 11 13.61 13.51 -8.02
CA THR B 11 13.90 13.04 -6.67
C THR B 11 12.67 13.25 -5.78
N LEU B 12 11.82 14.21 -6.14
CA LEU B 12 10.53 14.36 -5.45
C LEU B 12 9.75 13.06 -5.49
N TRP B 13 9.72 12.39 -6.65
CA TRP B 13 8.82 11.26 -6.83
C TRP B 13 9.27 10.04 -6.04
N SER B 14 10.56 9.92 -5.76
CA SER B 14 11.02 8.80 -4.93
C SER B 14 10.54 8.91 -3.48
N ARG B 15 10.01 10.08 -3.08
CA ARG B 15 9.45 10.29 -1.75
C ARG B 15 7.97 9.92 -1.66
N VAL B 16 7.27 9.85 -2.77
CA VAL B 16 5.84 9.55 -2.77
C VAL B 16 5.68 8.05 -2.66
N THR B 17 4.85 7.60 -1.72
CA THR B 17 4.86 6.22 -1.25
C THR B 17 3.42 5.72 -1.12
N LYS B 18 3.18 4.54 -1.64
CA LYS B 18 1.90 3.89 -1.41
C LYS B 18 1.70 3.60 0.09
N PHE B 19 0.54 3.92 0.62
CA PHE B 19 0.36 3.83 2.07
C PHE B 19 -1.13 3.67 2.40
N GLY B 20 -1.50 2.56 3.00
CA GLY B 20 -2.90 2.43 3.38
C GLY B 20 -3.78 2.48 2.15
N SER B 21 -4.85 3.24 2.23
CA SER B 21 -5.78 3.40 1.11
C SER B 21 -5.44 4.62 0.25
N GLY B 22 -4.21 5.11 0.34
CA GLY B 22 -3.74 6.24 -0.42
C GLY B 22 -2.23 6.30 -0.45
N TRP B 23 -1.66 7.46 -0.12
CA TRP B 23 -0.25 7.76 -0.36
C TRP B 23 0.30 8.53 0.83
N GLY B 24 1.62 8.54 0.94
CA GLY B 24 2.28 9.49 1.79
C GLY B 24 3.61 9.96 1.21
N PHE B 25 4.36 10.74 1.98
CA PHE B 25 5.49 11.49 1.47
C PHE B 25 6.57 11.56 2.54
N TRP B 26 7.77 11.08 2.19
CA TRP B 26 8.96 11.21 3.02
C TRP B 26 9.51 12.64 2.94
N VAL B 27 9.38 13.37 4.04
CA VAL B 27 9.92 14.71 4.19
C VAL B 27 11.42 14.65 4.43
N SER B 28 11.88 13.59 5.07
CA SER B 28 13.26 13.45 5.50
C SER B 28 13.51 11.98 5.78
N PRO B 29 14.75 11.61 6.13
CA PRO B 29 15.02 10.19 6.40
C PRO B 29 14.19 9.59 7.50
N THR B 30 13.63 10.40 8.43
CA THR B 30 12.83 9.87 9.54
C THR B 30 11.41 10.41 9.65
N VAL B 31 10.95 11.29 8.78
CA VAL B 31 9.62 11.89 8.90
C VAL B 31 8.81 11.59 7.65
N PHE B 32 7.63 11.00 7.84
CA PHE B 32 6.72 10.59 6.79
C PHE B 32 5.38 11.20 7.13
N ILE B 33 4.77 11.91 6.17
CA ILE B 33 3.46 12.52 6.35
C ILE B 33 2.44 11.92 5.40
N THR B 34 1.19 11.95 5.84
CA THR B 34 0.09 11.36 5.11
C THR B 34 -1.20 11.98 5.65
N THR B 35 -2.32 11.57 5.05
CA THR B 35 -3.65 12.02 5.43
C THR B 35 -4.25 10.99 6.38
N THR B 36 -4.82 11.47 7.49
CA THR B 36 -5.23 10.59 8.57
C THR B 36 -6.14 9.47 8.08
N HIS B 37 -7.17 9.79 7.30
CA HIS B 37 -8.12 8.73 6.96
C HIS B 37 -7.58 7.66 6.02
N VAL B 38 -6.37 7.80 5.45
CA VAL B 38 -5.84 6.69 4.66
C VAL B 38 -4.96 5.79 5.52
N VAL B 39 -4.66 6.20 6.75
CA VAL B 39 -3.69 5.47 7.58
C VAL B 39 -4.32 4.17 8.06
N PRO B 40 -3.65 3.03 7.91
CA PRO B 40 -4.18 1.78 8.49
C PRO B 40 -4.23 1.87 10.01
N THR B 41 -5.30 1.34 10.59
CA THR B 41 -5.45 1.28 12.04
C THR B 41 -5.38 -0.17 12.50
N GLY B 42 -4.91 -0.36 13.73
CA GLY B 42 -4.78 -1.70 14.27
C GLY B 42 -3.68 -2.55 13.66
N VAL B 43 -2.59 -1.93 13.22
CA VAL B 43 -1.44 -2.66 12.70
C VAL B 43 -0.29 -2.54 13.68
N LYS B 44 0.62 -3.50 13.59
CA LYS B 44 1.70 -3.61 14.56
C LYS B 44 3.01 -3.06 14.02
N GLU B 45 3.04 -2.64 12.77
CA GLU B 45 4.30 -2.19 12.20
C GLU B 45 4.00 -1.31 10.99
N PHE B 46 4.95 -0.43 10.71
CA PHE B 46 4.91 0.41 9.54
C PHE B 46 6.30 0.36 8.90
N PHE B 47 6.35 0.05 7.60
CA PHE B 47 7.61 -0.07 6.88
C PHE B 47 8.53 -1.11 7.51
N GLY B 48 7.94 -2.21 8.00
CA GLY B 48 8.68 -3.20 8.76
C GLY B 48 9.20 -2.73 10.10
N GLU B 49 8.79 -1.54 10.57
CA GLU B 49 9.29 -1.06 11.84
C GLU B 49 8.22 -1.25 12.91
N PRO B 50 8.55 -1.82 14.06
CA PRO B 50 7.57 -1.94 15.15
C PRO B 50 7.14 -0.58 15.70
N LEU B 51 5.90 -0.53 16.20
CA LEU B 51 5.35 0.70 16.78
C LEU B 51 6.29 1.35 17.81
N SER B 52 7.03 0.52 18.56
CA SER B 52 8.02 1.02 19.54
C SER B 52 9.01 2.00 18.93
N SER B 53 9.34 1.87 17.66
CA SER B 53 10.31 2.78 17.06
C SER B 53 9.64 3.89 16.26
N ILE B 54 8.35 4.18 16.54
CA ILE B 54 7.57 5.19 15.83
C ILE B 54 6.84 6.09 16.83
N ALA B 55 6.83 7.39 16.54
CA ALA B 55 5.99 8.38 17.20
C ALA B 55 4.98 8.90 16.18
N ILE B 56 3.70 8.62 16.41
CA ILE B 56 2.64 9.00 15.49
C ILE B 56 1.93 10.22 16.05
N HIS B 57 1.88 11.29 15.26
CA HIS B 57 1.15 12.50 15.60
C HIS B 57 0.10 12.79 14.53
N GLN B 58 -1.15 12.81 14.95
CA GLN B 58 -2.32 13.06 14.13
C GLN B 58 -3.07 14.27 14.67
N ALA B 59 -3.35 15.23 13.80
CA ALA B 59 -4.08 16.43 14.14
C ALA B 59 -4.96 16.77 12.95
N GLY B 60 -6.26 16.66 13.16
CA GLY B 60 -7.18 16.72 12.06
C GLY B 60 -6.84 15.61 11.10
N GLU B 61 -6.76 15.97 9.82
CA GLU B 61 -6.49 15.02 8.78
C GLU B 61 -5.02 15.01 8.37
N PHE B 62 -4.17 15.69 9.13
CA PHE B 62 -2.73 15.63 8.93
C PHE B 62 -2.13 14.64 9.90
N THR B 63 -1.54 13.57 9.36
CA THR B 63 -0.77 12.62 10.16
C THR B 63 0.71 12.67 9.84
N GLN B 64 1.51 12.68 10.89
CA GLN B 64 2.96 12.62 10.81
C GLN B 64 3.48 11.41 11.57
N PHE B 65 4.39 10.69 10.94
CA PHE B 65 5.16 9.61 11.54
C PHE B 65 6.61 10.06 11.69
N ARG B 66 7.17 9.92 12.89
CA ARG B 66 8.60 10.17 13.12
C ARG B 66 9.23 8.87 13.61
N PHE B 67 10.19 8.37 12.84
CA PHE B 67 10.83 7.09 13.10
C PHE B 67 12.14 7.27 13.87
N SER B 68 12.42 6.29 14.72
CA SER B 68 13.70 6.20 15.42
C SER B 68 14.84 5.87 14.46
N LYS B 69 14.67 4.86 13.61
CA LYS B 69 15.61 4.57 12.54
C LYS B 69 15.65 5.68 11.50
N LYS B 70 16.83 5.91 10.93
CA LYS B 70 16.88 6.56 9.62
C LYS B 70 16.29 5.58 8.62
N MET B 71 15.08 5.87 8.15
CA MET B 71 14.39 4.98 7.22
C MET B 71 14.77 5.24 5.77
N ARG B 72 15.03 6.48 5.39
CA ARG B 72 15.31 6.83 4.00
C ARG B 72 16.54 7.73 4.00
N PRO B 73 17.70 7.19 4.36
CA PRO B 73 18.91 8.03 4.48
C PRO B 73 19.39 8.61 3.17
N ASP B 74 18.90 8.09 2.04
CA ASP B 74 19.19 8.64 0.72
C ASP B 74 18.57 10.01 0.51
N LEU B 75 17.69 10.44 1.40
CA LEU B 75 16.90 11.66 1.20
C LEU B 75 17.53 12.81 1.96
N THR B 76 17.33 13.99 1.41
CA THR B 76 17.60 15.22 2.15
C THR B 76 16.35 15.65 2.88
N GLY B 77 16.54 16.34 4.00
CA GLY B 77 15.43 16.83 4.77
C GLY B 77 14.89 18.10 4.16
N MET B 78 13.63 18.12 3.74
CA MET B 78 13.08 19.34 3.17
C MET B 78 12.15 20.00 4.18
N VAL B 79 11.72 21.20 3.84
CA VAL B 79 10.99 22.04 4.78
C VAL B 79 9.52 21.65 4.75
N LEU B 80 8.98 21.35 5.92
CA LEU B 80 7.55 21.17 6.14
C LEU B 80 6.99 22.45 6.76
N GLU B 81 6.08 23.10 6.05
CA GLU B 81 5.42 24.33 6.49
C GLU B 81 3.93 24.08 6.75
N GLU B 82 3.32 24.98 7.54
CA GLU B 82 1.89 24.92 7.82
C GLU B 82 1.13 25.61 6.69
N GLY B 83 0.84 24.86 5.63
CA GLY B 83 0.19 25.45 4.49
C GLY B 83 1.15 26.34 3.71
N CYS B 84 0.63 26.94 2.65
CA CYS B 84 1.36 27.87 1.82
C CYS B 84 0.55 29.12 1.60
N PRO B 85 1.15 30.15 0.97
CA PRO B 85 0.44 31.42 0.83
C PRO B 85 -0.61 31.37 -0.27
N GLU B 86 -1.74 32.05 0.00
CA GLU B 86 -2.75 32.24 -1.02
C GLU B 86 -2.09 32.68 -2.32
N GLY B 87 -2.66 32.26 -3.44
CA GLY B 87 -2.15 32.61 -4.74
C GLY B 87 -0.97 31.79 -5.21
N THR B 88 -0.22 31.17 -4.31
CA THR B 88 0.89 30.31 -4.73
C THR B 88 0.39 29.20 -5.62
N VAL B 89 1.15 28.93 -6.69
CA VAL B 89 0.91 27.77 -7.55
C VAL B 89 1.83 26.66 -7.07
N CYS B 90 1.25 25.71 -6.38
CA CYS B 90 1.90 24.50 -5.90
C CYS B 90 1.69 23.38 -6.91
N SER B 91 2.39 22.27 -6.68
CA SER B 91 2.11 21.01 -7.35
C SER B 91 1.61 20.00 -6.35
N VAL B 92 0.53 19.31 -6.68
CA VAL B 92 0.09 18.11 -5.97
C VAL B 92 0.67 16.90 -6.73
N LEU B 93 1.56 16.16 -6.07
CA LEU B 93 2.25 15.02 -6.67
C LEU B 93 1.40 13.76 -6.58
N ILE B 94 0.39 13.72 -7.45
CA ILE B 94 -0.50 12.57 -7.52
C ILE B 94 0.24 11.35 -8.06
N LYS B 95 -0.05 10.19 -7.49
CA LYS B 95 0.42 8.94 -8.06
C LYS B 95 -0.75 7.98 -8.08
N ARG B 96 -0.80 7.16 -9.13
CA ARG B 96 -1.91 6.26 -9.38
C ARG B 96 -1.47 4.81 -9.20
N ASP B 97 -2.44 3.92 -8.96
CA ASP B 97 -2.11 2.51 -8.79
C ASP B 97 -1.50 1.92 -10.06
N SER B 98 -1.86 2.48 -11.24
CA SER B 98 -1.24 2.13 -12.53
C SER B 98 0.26 2.36 -12.56
N GLY B 99 0.79 3.15 -11.63
CA GLY B 99 2.18 3.58 -11.73
C GLY B 99 2.36 5.01 -12.23
N GLU B 100 1.32 5.61 -12.81
CA GLU B 100 1.47 6.95 -13.39
C GLU B 100 1.77 8.01 -12.33
N LEU B 101 2.75 8.85 -12.61
CA LEU B 101 3.01 10.06 -11.84
C LEU B 101 2.33 11.22 -12.54
N LEU B 102 1.46 11.91 -11.82
CA LEU B 102 0.59 12.91 -12.39
C LEU B 102 0.71 14.19 -11.56
N PRO B 103 1.70 15.02 -11.87
CA PRO B 103 1.85 16.29 -11.16
C PRO B 103 0.80 17.28 -11.67
N LEU B 104 0.04 17.87 -10.77
CA LEU B 104 -0.99 18.83 -11.14
C LEU B 104 -0.78 20.15 -10.41
N ALA B 105 -0.82 21.25 -11.18
CA ALA B 105 -0.72 22.59 -10.65
C ALA B 105 -2.02 22.97 -9.97
N VAL B 106 -1.91 23.61 -8.81
CA VAL B 106 -3.06 24.04 -8.01
C VAL B 106 -2.73 25.43 -7.50
N ARG B 107 -3.64 26.36 -7.71
CA ARG B 107 -3.57 27.71 -7.14
C ARG B 107 -4.24 27.66 -5.75
N MET B 108 -3.47 27.92 -4.72
CA MET B 108 -3.92 27.72 -3.36
C MET B 108 -4.74 28.90 -2.86
N GLY B 109 -5.77 28.58 -2.07
CA GLY B 109 -6.64 29.56 -1.44
C GLY B 109 -6.45 29.67 0.05
N ALA B 110 -7.55 29.82 0.79
CA ALA B 110 -7.50 30.11 2.22
C ALA B 110 -7.31 28.84 3.05
N ILE B 111 -6.45 28.96 4.07
CA ILE B 111 -6.33 28.00 5.16
C ILE B 111 -7.53 28.18 6.09
N ALA B 112 -8.32 27.13 6.26
CA ALA B 112 -9.55 27.20 7.04
C ALA B 112 -9.76 25.93 7.84
N SER B 113 -10.55 26.08 8.91
CA SER B 113 -11.11 24.99 9.69
C SER B 113 -12.41 24.55 9.04
N MET B 114 -12.56 23.25 8.81
CA MET B 114 -13.52 22.76 7.84
C MET B 114 -14.18 21.50 8.34
N ARG B 115 -15.43 21.32 7.92
CA ARG B 115 -16.21 20.11 8.15
C ARG B 115 -16.34 19.42 6.80
N ILE B 116 -15.91 18.17 6.74
CA ILE B 116 -15.93 17.42 5.49
C ILE B 116 -16.26 15.98 5.85
N GLN B 117 -17.32 15.45 5.26
CA GLN B 117 -17.88 14.16 5.66
C GLN B 117 -17.83 14.00 7.17
N GLY B 118 -18.32 15.03 7.88
CA GLY B 118 -18.43 14.97 9.32
C GLY B 118 -17.16 15.29 10.07
N ARG B 119 -16.00 15.02 9.47
CA ARG B 119 -14.75 15.12 10.22
C ARG B 119 -14.27 16.57 10.27
N LEU B 120 -13.62 16.93 11.36
CA LEU B 120 -12.92 18.21 11.46
C LEU B 120 -11.59 18.13 10.69
N VAL B 121 -11.31 19.19 9.94
CA VAL B 121 -10.17 19.22 9.03
C VAL B 121 -9.50 20.58 9.14
N HIS B 122 -8.24 20.59 9.51
CA HIS B 122 -7.43 21.79 9.36
C HIS B 122 -6.82 21.72 7.97
N GLY B 123 -7.29 22.57 7.07
CA GLY B 123 -7.03 22.41 5.66
C GLY B 123 -6.86 23.71 4.91
N GLN B 124 -6.49 23.58 3.64
CA GLN B 124 -6.33 24.72 2.75
C GLN B 124 -6.91 24.32 1.40
N SER B 125 -7.77 25.16 0.88
CA SER B 125 -8.43 24.88 -0.39
C SER B 125 -7.58 25.42 -1.53
N GLY B 126 -7.87 24.94 -2.73
CA GLY B 126 -7.10 25.28 -3.91
C GLY B 126 -7.92 24.92 -5.13
N MET B 127 -7.54 25.49 -6.27
CA MET B 127 -8.17 25.15 -7.54
C MET B 127 -7.13 24.62 -8.53
N LEU B 128 -7.47 23.53 -9.20
CA LEU B 128 -6.60 22.93 -10.18
C LEU B 128 -6.67 23.76 -11.45
N LEU B 129 -5.51 23.95 -12.12
CA LEU B 129 -5.50 24.67 -13.39
C LEU B 129 -6.07 23.86 -14.56
N THR B 130 -6.31 22.56 -14.38
CA THR B 130 -6.91 21.73 -15.45
C THR B 130 -8.41 22.05 -15.61
N LEU B 139 -5.78 15.28 -15.66
CA LEU B 139 -7.08 14.93 -15.09
C LEU B 139 -7.34 15.76 -13.84
N GLY B 140 -7.87 15.13 -12.81
CA GLY B 140 -8.00 15.80 -11.53
C GLY B 140 -7.68 14.80 -10.45
N THR B 141 -8.16 15.06 -9.25
CA THR B 141 -7.96 14.12 -8.16
C THR B 141 -9.18 13.24 -8.06
N ILE B 142 -8.96 11.99 -7.70
CA ILE B 142 -9.99 10.96 -7.68
C ILE B 142 -9.85 10.15 -6.41
N PRO B 143 -10.81 9.29 -6.09
CA PRO B 143 -10.63 8.38 -4.95
C PRO B 143 -9.36 7.54 -5.07
N GLY B 144 -8.66 7.43 -3.96
CA GLY B 144 -7.36 6.78 -3.93
C GLY B 144 -6.21 7.74 -3.96
N ASP B 145 -6.46 9.02 -4.22
CA ASP B 145 -5.40 10.02 -4.33
C ASP B 145 -4.94 10.59 -2.98
N CYS B 146 -5.69 10.39 -1.90
CA CYS B 146 -5.42 11.13 -0.67
C CYS B 146 -4.07 10.79 -0.08
N GLY B 147 -3.49 11.77 0.58
CA GLY B 147 -2.11 11.71 1.02
C GLY B 147 -1.08 12.25 0.03
N ALA B 148 -1.45 12.47 -1.22
CA ALA B 148 -0.52 13.09 -2.17
C ALA B 148 -0.01 14.44 -1.64
N PRO B 149 1.29 14.71 -1.69
CA PRO B 149 1.79 15.97 -1.13
C PRO B 149 1.54 17.16 -2.05
N TYR B 150 1.42 18.33 -1.41
CA TYR B 150 1.41 19.65 -2.07
C TYR B 150 2.77 20.28 -1.84
N VAL B 151 3.45 20.64 -2.93
CA VAL B 151 4.81 21.16 -2.86
C VAL B 151 4.94 22.39 -3.73
N HIS B 152 5.95 23.18 -3.41
CA HIS B 152 6.31 24.33 -4.23
C HIS B 152 7.77 24.64 -3.91
N LYS B 153 8.40 25.36 -4.82
CA LYS B 153 9.81 25.70 -4.68
C LYS B 153 9.92 27.15 -4.20
N ARG B 154 10.57 27.37 -3.04
CA ARG B 154 10.88 28.70 -2.56
C ARG B 154 12.39 28.94 -2.64
N GLY B 155 12.81 29.82 -3.54
CA GLY B 155 14.24 29.97 -3.77
C GLY B 155 14.76 28.74 -4.47
N ASN B 156 15.81 28.12 -3.91
CA ASN B 156 16.40 26.94 -4.51
C ASN B 156 15.92 25.64 -3.86
N ASP B 157 15.13 25.73 -2.78
CA ASP B 157 14.72 24.57 -2.01
C ASP B 157 13.21 24.32 -2.12
N TRP B 158 12.86 23.05 -2.14
CA TRP B 158 11.47 22.63 -2.18
C TRP B 158 10.84 22.57 -0.79
N VAL B 159 9.55 22.85 -0.76
CA VAL B 159 8.76 22.92 0.46
C VAL B 159 7.51 22.08 0.27
N VAL B 160 7.18 21.26 1.27
CA VAL B 160 5.92 20.55 1.31
C VAL B 160 5.05 21.22 2.36
N CYS B 161 3.75 21.37 2.06
CA CYS B 161 2.88 22.11 2.96
C CYS B 161 1.51 21.49 3.18
N GLY B 162 1.29 20.25 2.77
CA GLY B 162 -0.05 19.70 2.81
C GLY B 162 -0.09 18.35 2.13
N VAL B 163 -1.17 17.65 2.41
CA VAL B 163 -1.43 16.29 1.91
C VAL B 163 -2.87 16.23 1.47
N HIS B 164 -3.10 15.65 0.31
CA HIS B 164 -4.42 15.71 -0.30
C HIS B 164 -5.45 15.01 0.57
N ALA B 165 -6.58 15.66 0.74
CA ALA B 165 -7.66 15.18 1.59
C ALA B 165 -9.02 15.11 0.89
N ALA B 166 -9.36 16.08 0.05
CA ALA B 166 -10.70 16.09 -0.53
C ALA B 166 -10.74 16.88 -1.83
N ALA B 167 -11.85 16.73 -2.55
CA ALA B 167 -12.17 17.59 -3.69
C ALA B 167 -13.68 17.72 -3.82
N THR B 168 -14.12 18.78 -4.50
CA THR B 168 -15.53 19.05 -4.77
C THR B 168 -16.06 18.20 -5.92
N LYS B 169 -17.38 18.28 -6.12
CA LYS B 169 -18.03 17.49 -7.17
C LYS B 169 -17.47 17.81 -8.55
N SER B 170 -17.29 19.09 -8.87
CA SER B 170 -16.72 19.38 -10.19
C SER B 170 -15.28 18.89 -10.31
N GLY B 171 -14.64 18.59 -9.19
CA GLY B 171 -13.21 18.33 -9.17
C GLY B 171 -12.33 19.56 -9.20
N ASN B 172 -12.90 20.76 -9.37
CA ASN B 172 -12.06 21.93 -9.61
C ASN B 172 -11.40 22.43 -8.33
N THR B 173 -12.09 22.34 -7.19
CA THR B 173 -11.55 22.72 -5.89
C THR B 173 -10.99 21.47 -5.20
N VAL B 174 -9.80 21.60 -4.64
CA VAL B 174 -9.15 20.55 -3.87
C VAL B 174 -8.90 21.10 -2.46
N VAL B 175 -8.81 20.18 -1.48
CA VAL B 175 -8.38 20.52 -0.13
C VAL B 175 -7.21 19.64 0.26
N CYS B 176 -6.14 20.25 0.77
CA CYS B 176 -5.08 19.52 1.46
C CYS B 176 -5.19 19.79 2.96
N ALA B 177 -5.01 18.74 3.74
CA ALA B 177 -4.79 18.91 5.17
C ALA B 177 -3.41 19.49 5.39
N VAL B 178 -3.32 20.40 6.36
CA VAL B 178 -2.09 21.10 6.71
C VAL B 178 -1.82 20.90 8.20
N GLN B 179 -0.58 21.19 8.61
CA GLN B 179 -0.16 20.89 9.98
C GLN B 179 -0.74 21.88 10.97
C01 N38 C . 12.46 -23.79 7.56
C03 N38 C . 11.74 -21.47 7.26
C04 N38 C . 12.13 -21.11 8.54
C05 N38 C . 11.94 -19.81 8.99
C06 N38 C . 11.34 -18.88 8.15
C08 N38 C . 12.12 -17.06 9.45
C09 N38 C . 11.87 -15.56 9.63
C10 N38 C . 10.42 -15.31 10.05
C13 N38 C . 7.34 -12.92 9.34
C14 N38 C . 6.10 -12.72 10.19
C15 N38 C . 5.62 -13.98 10.92
C16 N38 C . 5.17 -14.98 9.86
C17 N38 C . 4.56 -16.22 10.49
C18 N38 C . 3.45 -15.84 11.49
C19 N38 C . 3.86 -14.79 12.52
C20 N38 C . 4.47 -13.58 11.85
C21 N38 C . 7.56 -11.64 8.52
C23 N38 C . 7.18 -10.48 6.32
C24 N38 C . 8.00 -10.95 5.11
C25 N38 C . 9.41 -11.49 5.38
C26 N38 C . 10.08 -11.66 4.23
C28 N38 C . 11.62 -10.68 5.91
C29 N38 C . 10.37 -10.51 6.33
C31 N38 C . 5.85 -9.88 5.89
C36 N38 C . 10.97 -19.23 6.87
C37 N38 C . 11.17 -20.53 6.42
N12 N38 C . 8.45 -13.22 10.17
N22 N38 C . 6.98 -11.65 7.20
N27 N38 C . 11.53 -11.18 4.45
O02 N38 C . 11.92 -22.77 6.74
O07 N38 C . 11.14 -17.56 8.58
O30 N38 C . 9.69 -12.10 3.22
O32 N38 C . 5.24 -9.27 7.02
O33 N38 C . 8.14 -10.68 8.94
O34 N38 C . 10.91 -12.64 9.66
O35 N38 C . 9.73 -13.72 8.00
S11 N38 C . 9.92 -13.68 9.44
C01 N38 D . -14.00 24.04 0.52
C03 N38 D . -15.05 21.85 0.82
C04 N38 D . -15.96 21.05 1.52
C05 N38 D . -16.16 19.71 1.15
C06 N38 D . -15.47 19.19 0.07
C08 N38 D . -16.93 17.28 -0.37
C09 N38 D . -16.73 15.77 -0.63
C10 N38 D . -15.72 15.17 0.36
C13 N38 D . -12.90 12.56 1.18
C14 N38 D . -12.74 11.80 2.49
C15 N38 D . -13.06 12.70 3.69
C16 N38 D . -11.96 13.76 3.78
C17 N38 D . -11.82 14.46 5.12
C18 N38 D . -11.79 13.43 6.24
C19 N38 D . -13.04 12.56 6.21
C20 N38 D . -13.17 11.78 4.91
C21 N38 D . -12.26 11.75 0.04
C23 N38 D . -10.30 11.25 -1.46
C24 N38 D . -9.99 12.26 -2.59
C25 N38 D . -11.17 12.98 -3.27
C26 N38 D . -10.84 13.55 -4.42
C28 N38 D . -13.06 12.37 -4.61
C29 N38 D . -12.43 11.92 -3.56
C31 N38 D . -9.05 10.54 -0.96
C36 N38 D . -14.57 19.98 -0.63
C37 N38 D . -14.35 21.30 -0.25
N12 N38 D . -14.28 12.75 0.89
N22 N38 D . -10.89 12.03 -0.34
N27 N38 D . -12.01 13.20 -5.41
O02 N38 D . -14.87 23.19 1.24
O07 N38 D . -15.64 17.86 -0.35
O30 N38 D . -9.87 14.17 -4.67
O32 N38 D . -9.40 9.71 0.13
O33 N38 D . -12.88 10.90 -0.53
O34 N38 D . -15.60 13.06 -1.33
O35 N38 D . -13.64 14.27 -1.20
S11 N38 D . -14.77 13.79 -0.38
#